data_4A2J
#
_entry.id   4A2J
#
_cell.length_a   58.614
_cell.length_b   64.696
_cell.length_c   69.991
_cell.angle_alpha   90.00
_cell.angle_beta   95.71
_cell.angle_gamma   90.00
#
_symmetry.space_group_name_H-M   'P 1 21 1'
#
loop_
_entity.id
_entity.type
_entity.pdbx_description
1 polymer 'PROGESTERONE RECEPTOR'
2 non-polymer '4-[(11BETA,17BETA)-17-METHOXY-17-(METHOXYMETHYL)-3-OXOESTRA-4,9-DIEN-11-YL]BENZALDEHYDE OXIME'
3 non-polymer 'SULFATE ION'
4 water water
#
_entity_poly.entity_id   1
_entity_poly.type   'polypeptide(L)'
_entity_poly.pdbx_seq_one_letter_code
;GSHMGQDIQLIPPLINLLMSIEPDVIYAGHDNTKPDTSSSLLTSLNQLGERQLLSVVKWSKSLPGFRNLHIDDQITLIQY
SWMSLMVFGLGWRSYKHVSGQMLYFAPDLILNEQRMKESSFYSLCLTMWQIPQEFVKLQVSQEEFLCMKVLLLLNTIPLE
GLRSQTQFEEMRSSYIRELIKAIGLRQKGVVSSSQRFYQLTKLLDNLHDLVKQLHLYCLNTFIQSRALSVEFPEMMSEVI
AAQLPKILAGMVKPLLFHKK
;
_entity_poly.pdbx_strand_id   A,B
#
# COMPACT_ATOMS: atom_id res chain seq x y z
N LEU A 10 17.74 -8.72 21.44
CA LEU A 10 16.62 -8.19 20.61
C LEU A 10 17.11 -7.08 19.69
N ILE A 11 16.25 -6.66 18.76
CA ILE A 11 16.59 -5.65 17.75
C ILE A 11 16.27 -4.23 18.26
N PRO A 12 17.22 -3.28 18.08
CA PRO A 12 16.96 -1.89 18.47
C PRO A 12 15.78 -1.30 17.70
N PRO A 13 14.96 -0.48 18.39
CA PRO A 13 13.68 -0.07 17.82
C PRO A 13 13.74 0.57 16.44
N LEU A 14 14.70 1.45 16.20
CA LEU A 14 14.79 2.13 14.92
C LEU A 14 15.08 1.12 13.79
N ILE A 15 15.88 0.09 14.08
CA ILE A 15 16.18 -0.95 13.10
C ILE A 15 14.92 -1.76 12.75
N ASN A 16 14.16 -2.12 13.76
CA ASN A 16 12.86 -2.80 13.57
C ASN A 16 11.89 -1.99 12.71
N LEU A 17 11.86 -0.68 12.95
CA LEU A 17 11.01 0.19 12.16
C LEU A 17 11.47 0.17 10.70
N LEU A 18 12.79 0.24 10.50
CA LEU A 18 13.34 0.24 9.15
C LEU A 18 12.93 -1.01 8.37
N MET A 19 12.89 -2.17 9.03
CA MET A 19 12.46 -3.40 8.38
C MET A 19 10.98 -3.36 8.04
N SER A 20 10.17 -2.75 8.90
CA SER A 20 8.74 -2.70 8.65
C SER A 20 8.38 -1.79 7.47
N ILE A 21 9.23 -0.82 7.14
CA ILE A 21 8.92 0.11 6.06
C ILE A 21 9.65 -0.20 4.75
N GLU A 22 10.38 -1.32 4.68
CA GLU A 22 10.96 -1.80 3.42
C GLU A 22 9.88 -2.02 2.37
N PRO A 23 10.10 -1.56 1.13
CA PRO A 23 9.17 -1.78 0.01
C PRO A 23 8.89 -3.26 -0.26
N ASP A 24 7.67 -3.57 -0.69
CA ASP A 24 7.35 -4.90 -1.22
C ASP A 24 8.13 -5.22 -2.51
N VAL A 25 8.12 -6.49 -2.86
CA VAL A 25 8.64 -7.03 -4.13
C VAL A 25 8.09 -6.24 -5.31
N ILE A 26 8.97 -5.81 -6.23
CA ILE A 26 8.52 -5.16 -7.46
C ILE A 26 8.92 -5.96 -8.69
N TYR A 27 7.94 -6.18 -9.57
CA TYR A 27 8.15 -6.90 -10.82
C TYR A 27 8.51 -5.97 -11.98
N ALA A 28 9.26 -6.50 -12.94
CA ALA A 28 9.65 -5.75 -14.13
C ALA A 28 8.53 -5.67 -15.16
N GLY A 29 7.68 -6.69 -15.22
CA GLY A 29 6.68 -6.82 -16.27
C GLY A 29 7.27 -7.27 -17.59
N HIS A 30 8.48 -7.85 -17.52
CA HIS A 30 9.22 -8.24 -18.72
C HIS A 30 8.60 -9.50 -19.35
N ASP A 31 8.61 -9.54 -20.68
CA ASP A 31 8.09 -10.66 -21.44
C ASP A 31 9.21 -11.67 -21.71
N ASN A 32 9.35 -12.63 -20.79
CA ASN A 32 10.39 -13.65 -20.88
C ASN A 32 10.08 -14.73 -21.92
N THR A 33 8.88 -14.71 -22.50
CA THR A 33 8.55 -15.59 -23.63
C THR A 33 8.88 -14.93 -24.97
N LYS A 34 10.00 -14.20 -25.01
CA LYS A 34 10.52 -13.54 -26.22
C LYS A 34 12.02 -13.31 -26.00
N PRO A 35 12.85 -13.54 -27.05
CA PRO A 35 14.31 -13.38 -26.90
C PRO A 35 14.77 -11.99 -26.49
N ASP A 36 15.80 -11.94 -25.63
CA ASP A 36 16.38 -10.67 -25.21
C ASP A 36 16.87 -9.86 -26.39
N THR A 37 16.48 -8.59 -26.43
CA THR A 37 17.10 -7.66 -27.35
C THR A 37 17.67 -6.53 -26.50
N SER A 38 18.65 -5.82 -27.04
CA SER A 38 19.20 -4.66 -26.36
C SER A 38 18.08 -3.70 -25.99
N SER A 39 17.20 -3.42 -26.94
CA SER A 39 16.04 -2.52 -26.71
C SER A 39 15.17 -3.02 -25.55
N SER A 40 14.74 -4.28 -25.61
CA SER A 40 13.74 -4.79 -24.68
C SER A 40 14.24 -4.84 -23.25
N LEU A 41 15.49 -5.22 -23.05
CA LEU A 41 16.11 -5.19 -21.71
C LEU A 41 16.18 -3.79 -21.12
N LEU A 42 16.68 -2.84 -21.90
CA LEU A 42 16.81 -1.48 -21.42
C LEU A 42 15.42 -0.89 -21.14
N THR A 43 14.42 -1.22 -21.95
CA THR A 43 13.07 -0.76 -21.66
C THR A 43 12.55 -1.36 -20.37
N SER A 44 12.74 -2.67 -20.19
CA SER A 44 12.31 -3.33 -18.98
C SER A 44 13.00 -2.78 -17.75
N LEU A 45 14.32 -2.64 -17.80
CA LEU A 45 15.08 -2.09 -16.69
C LEU A 45 14.62 -0.67 -16.30
N ASN A 46 14.24 0.14 -17.29
CA ASN A 46 13.75 1.49 -17.02
C ASN A 46 12.36 1.48 -16.41
N GLN A 47 11.45 0.71 -16.97
CA GLN A 47 10.13 0.52 -16.35
C GLN A 47 10.27 0.05 -14.90
N LEU A 48 11.16 -0.92 -14.67
CA LEU A 48 11.39 -1.44 -13.34
C LEU A 48 11.98 -0.37 -12.42
N GLY A 49 12.96 0.36 -12.93
CA GLY A 49 13.58 1.42 -12.17
C GLY A 49 12.60 2.53 -11.79
N GLU A 50 11.75 2.94 -12.71
CA GLU A 50 10.68 3.91 -12.41
C GLU A 50 9.83 3.45 -11.21
N ARG A 51 9.38 2.20 -11.27
CA ARG A 51 8.65 1.57 -10.15
C ARG A 51 9.49 1.51 -8.87
N GLN A 52 10.74 1.09 -8.95
CA GLN A 52 11.57 1.07 -7.74
C GLN A 52 11.76 2.48 -7.15
N LEU A 53 11.98 3.49 -7.99
CA LEU A 53 12.12 4.87 -7.48
C LEU A 53 10.84 5.40 -6.84
N LEU A 54 9.71 5.06 -7.42
CA LEU A 54 8.43 5.42 -6.81
C LEU A 54 8.33 4.78 -5.42
N SER A 55 8.80 3.55 -5.29
CA SER A 55 8.68 2.90 -3.98
C SER A 55 9.72 3.50 -3.01
N VAL A 56 10.86 3.96 -3.51
CA VAL A 56 11.85 4.68 -2.68
C VAL A 56 11.28 6.01 -2.14
N VAL A 57 10.48 6.68 -2.95
CA VAL A 57 9.86 7.94 -2.53
C VAL A 57 8.86 7.71 -1.39
N LYS A 58 7.95 6.75 -1.58
CA LYS A 58 7.04 6.29 -0.52
C LYS A 58 7.78 5.87 0.75
N TRP A 59 8.80 5.05 0.58
CA TRP A 59 9.66 4.66 1.69
C TRP A 59 10.15 5.89 2.47
N SER A 60 10.67 6.88 1.74
CA SER A 60 11.30 8.03 2.37
C SER A 60 10.29 8.82 3.21
N LYS A 61 9.01 8.79 2.82
CA LYS A 61 7.97 9.50 3.58
C LYS A 61 7.72 8.83 4.94
N SER A 62 8.14 7.57 5.10
CA SER A 62 8.02 6.85 6.38
C SER A 62 9.35 6.75 7.14
N LEU A 63 10.43 7.21 6.54
CA LEU A 63 11.75 7.12 7.13
C LEU A 63 11.92 8.17 8.23
N PRO A 64 12.10 7.74 9.49
CA PRO A 64 12.14 8.75 10.55
C PRO A 64 13.25 9.78 10.34
N GLY A 65 12.87 11.04 10.52
CA GLY A 65 13.73 12.18 10.31
C GLY A 65 13.53 12.88 8.98
N PHE A 66 13.19 12.12 7.94
CA PHE A 66 13.33 12.62 6.58
C PHE A 66 12.28 13.65 6.27
N ARG A 67 11.04 13.38 6.66
CA ARG A 67 9.94 14.30 6.37
C ARG A 67 10.08 15.68 7.04
N ASN A 68 10.98 15.79 8.01
CA ASN A 68 11.19 17.03 8.75
C ASN A 68 12.32 17.89 8.16
N LEU A 69 13.01 17.35 7.16
CA LEU A 69 13.87 18.19 6.35
C LEU A 69 13.02 19.01 5.41
N HIS A 70 13.52 20.20 5.05
CA HIS A 70 12.84 21.06 4.09
C HIS A 70 12.51 20.26 2.83
N ILE A 71 11.35 20.50 2.21
CA ILE A 71 10.91 19.69 1.07
CA ILE A 71 10.92 19.68 1.07
C ILE A 71 11.95 19.71 -0.05
N ASP A 72 12.57 20.87 -0.28
CA ASP A 72 13.63 21.00 -1.29
C ASP A 72 14.86 20.13 -0.98
N ASP A 73 15.23 20.00 0.30
CA ASP A 73 16.31 19.07 0.67
C ASP A 73 15.91 17.60 0.42
N GLN A 74 14.64 17.29 0.65
CA GLN A 74 14.15 15.95 0.46
C GLN A 74 14.26 15.57 -1.00
N ILE A 75 13.76 16.45 -1.85
CA ILE A 75 13.85 16.25 -3.30
C ILE A 75 15.30 16.12 -3.75
N THR A 76 16.16 17.04 -3.32
CA THR A 76 17.57 16.99 -3.71
C THR A 76 18.22 15.64 -3.35
N LEU A 77 17.96 15.15 -2.16
CA LEU A 77 18.61 13.92 -1.67
C LEU A 77 18.10 12.69 -2.43
N ILE A 78 16.82 12.70 -2.80
CA ILE A 78 16.34 11.63 -3.66
C ILE A 78 17.04 11.72 -5.03
N GLN A 79 17.16 12.92 -5.57
CA GLN A 79 17.80 13.13 -6.87
C GLN A 79 19.28 12.80 -6.87
N TYR A 80 19.97 12.96 -5.74
CA TYR A 80 21.39 12.64 -5.65
C TYR A 80 21.63 11.15 -5.49
N SER A 81 20.73 10.48 -4.77
CA SER A 81 21.05 9.18 -4.22
C SER A 81 20.36 8.01 -4.90
N TRP A 82 19.43 8.26 -5.81
CA TRP A 82 18.61 7.18 -6.41
C TRP A 82 19.41 6.03 -7.00
N MET A 83 20.45 6.32 -7.77
CA MET A 83 21.21 5.24 -8.40
C MET A 83 21.88 4.35 -7.32
N SER A 84 22.43 5.00 -6.30
CA SER A 84 23.04 4.28 -5.19
C SER A 84 22.06 3.37 -4.47
N LEU A 85 20.86 3.88 -4.21
CA LEU A 85 19.86 3.14 -3.51
C LEU A 85 19.43 1.91 -4.30
N MET A 86 19.33 2.03 -5.62
CA MET A 86 18.87 0.90 -6.43
C MET A 86 19.89 -0.18 -6.72
N VAL A 87 21.14 0.22 -6.92
CA VAL A 87 22.21 -0.75 -7.13
C VAL A 87 22.48 -1.49 -5.81
N PHE A 88 22.31 -0.78 -4.68
CA PHE A 88 22.50 -1.36 -3.36
C PHE A 88 21.37 -2.35 -3.08
N GLY A 89 20.13 -1.94 -3.34
CA GLY A 89 18.98 -2.85 -3.31
C GLY A 89 19.17 -4.07 -4.20
N LEU A 90 19.62 -3.84 -5.43
CA LEU A 90 19.91 -4.93 -6.35
C LEU A 90 20.88 -5.91 -5.72
N GLY A 91 21.95 -5.36 -5.13
CA GLY A 91 22.96 -6.17 -4.48
C GLY A 91 22.34 -7.05 -3.41
N TRP A 92 21.51 -6.45 -2.57
CA TRP A 92 20.92 -7.19 -1.44
C TRP A 92 19.97 -8.34 -1.89
N ARG A 93 19.15 -8.08 -2.90
CA ARG A 93 18.27 -9.10 -3.45
C ARG A 93 19.06 -10.26 -4.07
N SER A 94 20.13 -9.95 -4.78
CA SER A 94 20.90 -10.98 -5.48
C SER A 94 21.57 -11.88 -4.46
N TYR A 95 22.04 -11.26 -3.38
CA TYR A 95 22.59 -11.93 -2.22
C TYR A 95 21.57 -12.86 -1.57
N LYS A 96 20.44 -12.29 -1.18
CA LYS A 96 19.44 -13.02 -0.41
C LYS A 96 18.70 -14.11 -1.17
N HIS A 97 18.44 -13.91 -2.47
CA HIS A 97 17.55 -14.83 -3.24
C HIS A 97 18.27 -15.85 -4.11
N VAL A 98 19.46 -15.52 -4.57
CA VAL A 98 20.15 -16.42 -5.49
C VAL A 98 21.62 -16.54 -5.12
N SER A 99 21.91 -16.43 -3.82
CA SER A 99 23.26 -16.60 -3.29
C SER A 99 24.29 -15.67 -3.93
N GLY A 100 23.85 -14.52 -4.44
CA GLY A 100 24.74 -13.57 -5.07
C GLY A 100 25.28 -13.95 -6.44
N GLN A 101 24.86 -15.08 -7.00
CA GLN A 101 25.43 -15.58 -8.26
C GLN A 101 24.64 -15.26 -9.55
N MET A 102 23.67 -14.36 -9.44
CA MET A 102 22.87 -13.86 -10.55
C MET A 102 22.43 -12.46 -10.16
N LEU A 103 22.15 -11.61 -11.13
CA LEU A 103 21.62 -10.27 -10.84
C LEU A 103 20.09 -10.32 -10.72
N TYR A 104 19.59 -10.15 -9.50
CA TYR A 104 18.16 -10.26 -9.17
C TYR A 104 17.50 -8.89 -9.24
N PHE A 105 17.30 -8.39 -10.45
CA PHE A 105 16.64 -7.08 -10.64
C PHE A 105 15.22 -7.17 -10.12
N ALA A 106 14.51 -8.21 -10.56
CA ALA A 106 13.19 -8.52 -10.02
C ALA A 106 12.94 -10.03 -10.13
N PRO A 107 11.85 -10.53 -9.51
CA PRO A 107 11.54 -11.95 -9.64
C PRO A 107 11.33 -12.41 -11.10
N ASP A 108 10.85 -11.51 -11.95
CA ASP A 108 10.68 -11.81 -13.37
C ASP A 108 11.82 -11.22 -14.24
N LEU A 109 12.87 -10.70 -13.62
CA LEU A 109 14.05 -10.21 -14.35
C LEU A 109 15.34 -10.54 -13.56
N ILE A 110 15.82 -11.75 -13.76
CA ILE A 110 17.01 -12.26 -13.08
C ILE A 110 18.01 -12.60 -14.18
N LEU A 111 19.21 -12.03 -14.12
CA LEU A 111 20.24 -12.38 -15.10
C LEU A 111 21.35 -13.23 -14.47
N ASN A 112 21.42 -14.49 -14.87
CA ASN A 112 22.61 -15.30 -14.61
C ASN A 112 23.76 -14.83 -15.50
N GLU A 113 24.96 -15.35 -15.29
CA GLU A 113 26.11 -14.81 -16.00
C GLU A 113 26.00 -14.99 -17.51
N GLN A 114 25.45 -16.12 -17.96
CA GLN A 114 25.28 -16.35 -19.39
C GLN A 114 24.36 -15.29 -20.01
N ARG A 115 23.27 -14.97 -19.34
CA ARG A 115 22.35 -13.94 -19.84
C ARG A 115 23.01 -12.54 -19.84
N MET A 116 23.82 -12.26 -18.82
CA MET A 116 24.65 -11.04 -18.76
C MET A 116 25.59 -10.90 -19.94
N LYS A 117 26.26 -12.01 -20.29
CA LYS A 117 27.21 -12.05 -21.40
C LYS A 117 26.55 -11.67 -22.73
N GLU A 118 25.31 -12.09 -22.90
CA GLU A 118 24.55 -11.84 -24.13
C GLU A 118 23.73 -10.53 -24.07
N SER A 119 23.88 -9.74 -23.01
CA SER A 119 23.02 -8.56 -22.80
C SER A 119 23.29 -7.32 -23.66
N SER A 120 24.54 -7.17 -24.12
CA SER A 120 25.04 -5.91 -24.70
C SER A 120 25.54 -4.88 -23.67
N PHE A 121 25.42 -5.18 -22.37
CA PHE A 121 26.12 -4.36 -21.35
C PHE A 121 26.78 -5.27 -20.31
N TYR A 122 27.46 -6.29 -20.81
CA TYR A 122 28.13 -7.28 -19.97
C TYR A 122 28.99 -6.66 -18.87
N SER A 123 29.80 -5.66 -19.21
CA SER A 123 30.77 -5.14 -18.24
C SER A 123 30.07 -4.24 -17.23
N LEU A 124 28.94 -3.66 -17.61
CA LEU A 124 28.08 -2.97 -16.66
C LEU A 124 27.48 -4.00 -15.71
N CYS A 125 27.04 -5.14 -16.23
CA CYS A 125 26.56 -6.22 -15.34
C CYS A 125 27.65 -6.60 -14.34
N LEU A 126 28.87 -6.80 -14.84
CA LEU A 126 30.01 -7.15 -13.99
C LEU A 126 30.27 -6.10 -12.91
N THR A 127 30.26 -4.83 -13.29
CA THR A 127 30.42 -3.75 -12.33
C THR A 127 29.38 -3.85 -11.22
N MET A 128 28.12 -4.01 -11.63
CA MET A 128 27.03 -4.14 -10.69
C MET A 128 27.11 -5.41 -9.84
N TRP A 129 27.71 -6.46 -10.38
CA TRP A 129 27.81 -7.76 -9.71
C TRP A 129 28.79 -7.73 -8.52
N GLN A 130 29.72 -6.77 -8.53
CA GLN A 130 30.63 -6.56 -7.39
C GLN A 130 29.91 -6.46 -6.03
N ILE A 131 28.77 -5.78 -5.98
CA ILE A 131 28.12 -5.49 -4.72
C ILE A 131 27.66 -6.76 -3.99
N PRO A 132 26.84 -7.62 -4.65
CA PRO A 132 26.39 -8.84 -3.97
C PRO A 132 27.53 -9.82 -3.67
N GLN A 133 28.56 -9.87 -4.51
CA GLN A 133 29.72 -10.71 -4.20
C GLN A 133 30.36 -10.17 -2.89
N GLU A 134 30.44 -8.85 -2.76
CA GLU A 134 30.99 -8.21 -1.56
C GLU A 134 30.12 -8.48 -0.32
N PHE A 135 28.81 -8.47 -0.50
CA PHE A 135 27.86 -8.87 0.52
C PHE A 135 28.10 -10.30 0.99
N VAL A 136 28.35 -11.21 0.05
CA VAL A 136 28.69 -12.60 0.38
C VAL A 136 29.98 -12.65 1.20
N LYS A 137 30.94 -11.87 0.76
CA LYS A 137 32.26 -11.83 1.37
C LYS A 137 32.16 -11.37 2.83
N LEU A 138 31.50 -10.24 3.07
CA LEU A 138 31.40 -9.65 4.41
C LEU A 138 30.27 -10.23 5.26
N GLN A 139 29.44 -11.09 4.66
CA GLN A 139 28.25 -11.64 5.33
C GLN A 139 27.44 -10.51 5.98
N VAL A 140 26.99 -9.56 5.17
CA VAL A 140 26.21 -8.43 5.69
C VAL A 140 24.85 -8.89 6.22
N SER A 141 24.50 -8.43 7.43
CA SER A 141 23.21 -8.74 8.03
C SER A 141 22.17 -7.75 7.53
N GLN A 142 20.90 -8.16 7.58
CA GLN A 142 19.80 -7.30 7.19
C GLN A 142 19.78 -6.01 8.02
N GLU A 143 20.12 -6.12 9.30
CA GLU A 143 20.14 -4.96 10.16
C GLU A 143 21.19 -3.94 9.74
N GLU A 144 22.38 -4.43 9.37
CA GLU A 144 23.44 -3.55 8.88
C GLU A 144 23.02 -2.93 7.56
N PHE A 145 22.47 -3.76 6.68
CA PHE A 145 22.00 -3.31 5.37
C PHE A 145 20.98 -2.18 5.47
N LEU A 146 20.03 -2.30 6.37
CA LEU A 146 18.96 -1.31 6.48
C LEU A 146 19.53 0.06 6.91
N CYS A 147 20.52 0.04 7.80
CA CYS A 147 21.19 1.29 8.26
C CYS A 147 22.04 1.92 7.17
N MET A 148 22.90 1.11 6.55
CA MET A 148 23.70 1.53 5.40
C MET A 148 22.85 2.12 4.28
N LYS A 149 21.70 1.52 4.00
CA LYS A 149 20.84 2.04 2.95
C LYS A 149 20.36 3.47 3.25
N VAL A 150 20.03 3.75 4.50
CA VAL A 150 19.64 5.11 4.90
C VAL A 150 20.83 6.07 4.73
N LEU A 151 22.01 5.63 5.13
CA LEU A 151 23.20 6.46 4.98
C LEU A 151 23.52 6.80 3.53
N LEU A 152 23.22 5.89 2.60
CA LEU A 152 23.35 6.20 1.18
C LEU A 152 22.43 7.34 0.75
N LEU A 153 21.19 7.31 1.22
CA LEU A 153 20.23 8.39 0.95
C LEU A 153 20.84 9.72 1.42
N LEU A 154 21.59 9.66 2.53
CA LEU A 154 22.19 10.85 3.13
C LEU A 154 23.66 11.05 2.78
N ASN A 155 24.14 10.49 1.67
CA ASN A 155 25.60 10.41 1.46
C ASN A 155 26.24 11.47 0.55
N THR A 156 25.44 12.33 -0.05
CA THR A 156 25.93 13.45 -0.85
C THR A 156 25.02 14.65 -0.58
N ILE A 157 25.61 15.84 -0.42
CA ILE A 157 24.86 17.09 -0.25
C ILE A 157 25.37 18.16 -1.24
N PRO A 158 24.60 19.26 -1.42
CA PRO A 158 25.12 20.26 -2.33
C PRO A 158 26.41 20.89 -1.80
N LEU A 159 27.14 21.58 -2.68
CA LEU A 159 28.34 22.26 -2.27
C LEU A 159 28.03 23.36 -1.23
N GLU A 160 26.85 23.97 -1.31
CA GLU A 160 26.39 25.01 -0.35
C GLU A 160 25.68 24.41 0.86
N GLY A 161 25.65 23.09 0.98
CA GLY A 161 24.88 22.44 2.03
C GLY A 161 23.39 22.47 1.72
N LEU A 162 22.60 21.93 2.64
CA LEU A 162 21.15 21.90 2.53
C LEU A 162 20.51 23.05 3.30
N ARG A 163 19.23 23.32 3.03
CA ARG A 163 18.49 24.32 3.80
C ARG A 163 18.30 23.91 5.26
N SER A 164 18.10 22.62 5.49
CA SER A 164 17.94 22.04 6.83
C SER A 164 19.21 21.32 7.27
N GLN A 165 20.35 22.00 7.17
CA GLN A 165 21.66 21.39 7.43
C GLN A 165 21.80 20.84 8.84
N THR A 166 21.38 21.61 9.85
CA THR A 166 21.46 21.17 11.24
C THR A 166 20.72 19.87 11.43
N GLN A 167 19.44 19.86 11.05
CA GLN A 167 18.60 18.67 11.09
C GLN A 167 19.21 17.51 10.32
N PHE A 168 19.74 17.77 9.14
CA PHE A 168 20.38 16.73 8.36
C PHE A 168 21.55 16.11 9.14
N GLU A 169 22.41 16.97 9.68
CA GLU A 169 23.58 16.47 10.42
C GLU A 169 23.14 15.58 11.57
N GLU A 170 22.13 16.04 12.31
CA GLU A 170 21.53 15.26 13.40
C GLU A 170 20.95 13.91 12.90
N MET A 171 20.26 13.93 11.77
CA MET A 171 19.70 12.69 11.20
C MET A 171 20.79 11.71 10.74
N ARG A 172 21.76 12.21 9.98
CA ARG A 172 22.89 11.40 9.51
C ARG A 172 23.66 10.78 10.69
N SER A 173 23.97 11.60 11.70
CA SER A 173 24.67 11.11 12.91
C SER A 173 23.84 10.04 13.61
N SER A 174 22.53 10.26 13.69
CA SER A 174 21.58 9.31 14.26
C SER A 174 21.67 7.95 13.57
N TYR A 175 21.71 7.95 12.24
CA TYR A 175 21.81 6.67 11.52
C TYR A 175 23.21 6.03 11.56
N ILE A 176 24.25 6.85 11.75
CA ILE A 176 25.59 6.31 11.96
C ILE A 176 25.63 5.60 13.31
N ARG A 177 25.09 6.22 14.36
CA ARG A 177 24.99 5.55 15.67
C ARG A 177 24.16 4.26 15.57
N GLU A 178 23.16 4.25 14.69
CA GLU A 178 22.30 3.05 14.53
C GLU A 178 23.02 1.91 13.81
N LEU A 179 23.85 2.23 12.83
CA LEU A 179 24.71 1.22 12.20
C LEU A 179 25.66 0.60 13.23
N ILE A 180 26.18 1.42 14.15
CA ILE A 180 27.10 0.96 15.20
C ILE A 180 26.42 -0.01 16.15
N LYS A 181 25.14 0.25 16.42
CA LYS A 181 24.28 -0.71 17.15
C LYS A 181 24.01 -1.98 16.32
N ALA A 182 23.76 -1.80 15.02
CA ALA A 182 23.54 -2.94 14.12
C ALA A 182 24.74 -3.90 14.15
N ILE A 183 25.95 -3.34 14.09
CA ILE A 183 27.20 -4.12 14.15
C ILE A 183 27.31 -4.89 15.48
N GLY A 184 26.94 -4.26 16.57
CA GLY A 184 27.00 -4.87 17.89
C GLY A 184 26.11 -6.08 18.11
N LEU A 185 25.14 -6.32 17.22
CA LEU A 185 24.20 -7.44 17.36
C LEU A 185 24.87 -8.80 17.15
N ARG A 186 25.65 -8.92 16.09
CA ARG A 186 26.31 -10.18 15.79
C ARG A 186 27.72 -10.13 16.30
N GLN A 187 28.48 -9.13 15.85
CA GLN A 187 29.90 -9.04 16.14
C GLN A 187 30.12 -8.67 17.60
N LYS A 188 30.87 -9.54 18.29
CA LYS A 188 31.23 -9.33 19.68
C LYS A 188 32.73 -9.07 19.77
N GLY A 189 33.10 -8.07 20.55
CA GLY A 189 34.49 -7.63 20.70
C GLY A 189 34.65 -6.21 20.19
N VAL A 190 35.36 -5.37 20.96
CA VAL A 190 35.61 -3.99 20.54
C VAL A 190 36.43 -3.94 19.25
N VAL A 191 37.51 -4.73 19.20
CA VAL A 191 38.37 -4.83 18.02
C VAL A 191 37.57 -5.21 16.78
N SER A 192 36.77 -6.26 16.91
CA SER A 192 36.00 -6.80 15.81
C SER A 192 34.96 -5.80 15.31
N SER A 193 34.20 -5.24 16.25
CA SER A 193 33.18 -4.24 15.95
C SER A 193 33.75 -2.98 15.29
N SER A 194 34.88 -2.48 15.82
CA SER A 194 35.54 -1.29 15.27
C SER A 194 36.01 -1.49 13.84
N GLN A 195 36.63 -2.64 13.58
CA GLN A 195 37.07 -2.98 12.22
C GLN A 195 35.90 -3.19 11.29
N ARG A 196 34.82 -3.77 11.79
CA ARG A 196 33.63 -3.94 10.98
C ARG A 196 32.98 -2.59 10.63
N PHE A 197 33.02 -1.63 11.56
CA PHE A 197 32.54 -0.27 11.25
C PHE A 197 33.36 0.35 10.12
N TYR A 198 34.67 0.13 10.13
CA TYR A 198 35.51 0.63 9.06
C TYR A 198 35.16 -0.03 7.72
N GLN A 199 34.96 -1.34 7.74
CA GLN A 199 34.71 -2.11 6.52
C GLN A 199 33.42 -1.64 5.86
N LEU A 200 32.37 -1.51 6.66
CA LEU A 200 31.07 -1.18 6.10
C LEU A 200 31.02 0.27 5.60
N THR A 201 31.66 1.18 6.34
CA THR A 201 31.70 2.58 5.95
C THR A 201 32.67 2.80 4.78
N LYS A 202 33.73 1.99 4.71
CA LYS A 202 34.59 2.00 3.54
C LYS A 202 33.85 1.50 2.29
N LEU A 203 33.05 0.44 2.44
CA LEU A 203 32.23 -0.05 1.34
C LEU A 203 31.33 1.07 0.79
N LEU A 204 30.72 1.83 1.70
CA LEU A 204 29.84 2.93 1.29
C LEU A 204 30.68 3.98 0.55
N ASP A 205 31.85 4.34 1.08
CA ASP A 205 32.75 5.28 0.41
C ASP A 205 33.05 4.83 -1.02
N ASN A 206 33.38 3.55 -1.18
CA ASN A 206 33.74 2.98 -2.48
C ASN A 206 32.57 2.97 -3.48
N LEU A 207 31.35 2.94 -2.98
CA LEU A 207 30.18 2.97 -3.86
C LEU A 207 30.08 4.22 -4.70
N HIS A 208 30.60 5.35 -4.19
CA HIS A 208 30.72 6.58 -4.98
C HIS A 208 31.37 6.37 -6.35
N ASP A 209 32.47 5.63 -6.37
CA ASP A 209 33.17 5.32 -7.62
C ASP A 209 32.37 4.39 -8.53
N LEU A 210 31.79 3.33 -7.96
CA LEU A 210 30.96 2.40 -8.72
C LEU A 210 29.75 3.11 -9.33
N VAL A 211 29.09 3.93 -8.53
CA VAL A 211 27.91 4.69 -8.98
C VAL A 211 28.24 5.71 -10.08
N LYS A 212 29.42 6.31 -10.01
CA LYS A 212 29.82 7.23 -11.07
C LYS A 212 29.85 6.55 -12.45
N GLN A 213 30.33 5.32 -12.52
CA GLN A 213 30.28 4.53 -13.76
C GLN A 213 28.84 4.34 -14.26
N LEU A 214 27.92 4.03 -13.35
CA LEU A 214 26.52 3.81 -13.73
C LEU A 214 25.87 5.12 -14.18
N HIS A 215 26.19 6.22 -13.48
CA HIS A 215 25.73 7.56 -13.86
C HIS A 215 26.13 7.90 -15.30
N LEU A 216 27.39 7.64 -15.67
CA LEU A 216 27.90 7.97 -17.00
C LEU A 216 27.25 7.08 -18.05
N TYR A 217 27.14 5.78 -17.78
CA TYR A 217 26.40 4.89 -18.67
C TYR A 217 24.96 5.37 -18.86
N CYS A 218 24.33 5.74 -17.76
CA CYS A 218 22.93 6.09 -17.79
C CYS A 218 22.76 7.34 -18.65
N LEU A 219 23.52 8.39 -18.37
CA LEU A 219 23.41 9.65 -19.13
C LEU A 219 23.72 9.46 -20.61
N ASN A 220 24.77 8.69 -20.94
CA ASN A 220 25.08 8.40 -22.35
C ASN A 220 23.89 7.72 -23.04
N THR A 221 23.28 6.73 -22.38
CA THR A 221 22.13 6.00 -22.94
C THR A 221 20.93 6.94 -23.08
N PHE A 222 20.76 7.85 -22.14
CA PHE A 222 19.69 8.84 -22.20
C PHE A 222 19.82 9.72 -23.44
N ILE A 223 21.02 10.25 -23.66
CA ILE A 223 21.29 11.11 -24.81
C ILE A 223 20.99 10.41 -26.14
N GLN A 224 21.41 9.15 -26.25
CA GLN A 224 21.24 8.37 -27.47
C GLN A 224 19.91 7.57 -27.54
N SER A 225 18.97 7.83 -26.63
CA SER A 225 17.73 7.03 -26.43
C SER A 225 16.84 6.84 -27.65
N ARG A 226 16.75 7.86 -28.50
CA ARG A 226 15.89 7.80 -29.69
C ARG A 226 16.48 6.90 -30.79
N ALA A 227 17.80 6.95 -30.93
CA ALA A 227 18.54 6.07 -31.85
C ALA A 227 18.57 4.63 -31.36
N LEU A 228 18.74 4.45 -30.05
CA LEU A 228 18.77 3.11 -29.40
C LEU A 228 17.38 2.50 -29.16
N SER A 229 16.33 3.32 -29.28
CA SER A 229 14.94 2.90 -29.04
C SER A 229 14.69 2.38 -27.61
N VAL A 230 15.24 3.10 -26.63
CA VAL A 230 14.99 2.85 -25.21
C VAL A 230 14.09 3.95 -24.66
N GLU A 231 12.98 3.55 -24.04
CA GLU A 231 12.05 4.51 -23.43
C GLU A 231 12.58 4.92 -22.06
N PHE A 232 12.60 6.23 -21.83
CA PHE A 232 12.95 6.79 -20.55
C PHE A 232 11.67 7.37 -19.94
N PRO A 233 11.19 6.78 -18.83
CA PRO A 233 10.03 7.23 -18.07
C PRO A 233 10.12 8.66 -17.51
N GLU A 234 8.97 9.20 -17.13
CA GLU A 234 8.82 10.58 -16.68
C GLU A 234 9.68 10.93 -15.48
N MET A 235 9.57 10.16 -14.41
CA MET A 235 10.36 10.50 -13.22
C MET A 235 11.85 10.29 -13.49
N MET A 236 12.18 9.24 -14.24
CA MET A 236 13.57 8.96 -14.61
C MET A 236 14.16 10.15 -15.36
N SER A 237 13.43 10.62 -16.35
CA SER A 237 13.82 11.79 -17.11
C SER A 237 13.94 13.03 -16.23
N GLU A 238 12.99 13.23 -15.32
CA GLU A 238 13.06 14.33 -14.33
C GLU A 238 14.36 14.30 -13.53
N VAL A 239 14.68 13.18 -12.89
CA VAL A 239 15.85 13.11 -12.00
C VAL A 239 17.16 13.25 -12.78
N ILE A 240 17.16 12.75 -14.00
CA ILE A 240 18.35 12.83 -14.83
C ILE A 240 18.60 14.29 -15.18
N ALA A 241 17.58 14.95 -15.69
CA ALA A 241 17.67 16.33 -16.12
C ALA A 241 17.90 17.26 -14.96
N ALA A 242 17.41 16.91 -13.77
CA ALA A 242 17.52 17.78 -12.60
C ALA A 242 18.93 17.81 -11.97
N GLN A 243 19.70 16.72 -12.02
CA GLN A 243 20.98 16.68 -11.32
C GLN A 243 22.16 15.91 -11.93
N LEU A 244 21.91 15.09 -12.94
CA LEU A 244 22.93 14.10 -13.34
C LEU A 244 24.21 14.73 -13.87
N PRO A 245 24.10 15.71 -14.77
CA PRO A 245 25.33 16.34 -15.24
C PRO A 245 26.09 17.04 -14.09
N LYS A 246 25.37 17.74 -13.24
CA LYS A 246 25.97 18.38 -12.07
C LYS A 246 26.70 17.35 -11.19
N ILE A 247 26.07 16.20 -10.96
CA ILE A 247 26.70 15.11 -10.22
C ILE A 247 27.94 14.56 -10.89
N LEU A 248 27.83 14.20 -12.17
CA LEU A 248 28.97 13.67 -12.90
C LEU A 248 30.13 14.67 -12.91
N ALA A 249 29.81 15.95 -12.99
CA ALA A 249 30.83 17.00 -13.06
C ALA A 249 31.55 17.18 -11.72
N GLY A 250 31.05 16.52 -10.68
CA GLY A 250 31.62 16.65 -9.35
C GLY A 250 31.21 17.97 -8.68
N MET A 251 30.08 18.52 -9.10
CA MET A 251 29.61 19.81 -8.56
C MET A 251 28.64 19.60 -7.39
N VAL A 252 28.88 18.55 -6.60
CA VAL A 252 28.16 18.25 -5.38
C VAL A 252 29.21 17.83 -4.37
N LYS A 253 28.81 17.61 -3.12
CA LYS A 253 29.75 17.19 -2.09
C LYS A 253 29.47 15.77 -1.60
N PRO A 254 30.24 14.80 -2.09
CA PRO A 254 30.14 13.46 -1.56
C PRO A 254 30.60 13.45 -0.11
N LEU A 255 29.96 12.65 0.73
CA LEU A 255 30.35 12.60 2.14
C LEU A 255 31.06 11.28 2.40
N LEU A 256 32.34 11.38 2.76
CA LEU A 256 33.16 10.20 2.94
C LEU A 256 33.30 9.95 4.43
N PHE A 257 33.33 8.68 4.79
CA PHE A 257 33.59 8.28 6.15
C PHE A 257 35.10 8.28 6.44
N HIS A 258 35.93 8.21 5.39
CA HIS A 258 37.40 8.14 5.55
C HIS A 258 38.16 9.07 4.61
N LYS A 259 39.47 9.23 4.85
CA LYS A 259 40.32 10.16 4.09
C LYS A 259 40.16 10.05 2.58
N LEU B 10 -36.49 10.54 23.68
CA LEU B 10 -35.71 9.27 23.78
C LEU B 10 -35.61 8.55 22.43
N ILE B 11 -34.87 7.43 22.43
CA ILE B 11 -34.59 6.73 21.21
C ILE B 11 -35.81 5.90 20.83
N PRO B 12 -36.24 5.97 19.57
CA PRO B 12 -37.36 5.12 19.12
C PRO B 12 -37.01 3.63 19.16
N PRO B 13 -38.02 2.77 19.40
CA PRO B 13 -37.84 1.33 19.62
C PRO B 13 -37.04 0.58 18.58
N LEU B 14 -37.36 0.78 17.30
CA LEU B 14 -36.64 0.08 16.25
C LEU B 14 -35.14 0.40 16.27
N ILE B 15 -34.83 1.68 16.58
CA ILE B 15 -33.43 2.11 16.58
C ILE B 15 -32.73 1.42 17.73
N ASN B 16 -33.41 1.37 18.88
CA ASN B 16 -32.95 0.59 20.01
C ASN B 16 -32.69 -0.86 19.68
N LEU B 17 -33.62 -1.47 18.98
CA LEU B 17 -33.44 -2.84 18.51
C LEU B 17 -32.23 -2.99 17.59
N LEU B 18 -32.06 -2.07 16.64
CA LEU B 18 -30.88 -2.11 15.78
C LEU B 18 -29.56 -2.08 16.58
N MET B 19 -29.44 -1.19 17.57
CA MET B 19 -28.24 -1.15 18.42
C MET B 19 -27.98 -2.50 19.07
N SER B 20 -29.05 -3.10 19.61
CA SER B 20 -28.95 -4.33 20.37
C SER B 20 -28.48 -5.49 19.51
N ILE B 21 -28.73 -5.44 18.22
CA ILE B 21 -28.39 -6.60 17.37
C ILE B 21 -27.08 -6.40 16.63
N GLU B 22 -26.43 -5.27 16.86
CA GLU B 22 -25.14 -5.00 16.27
C GLU B 22 -24.16 -6.07 16.70
N PRO B 23 -23.42 -6.67 15.74
CA PRO B 23 -22.48 -7.70 16.19
C PRO B 23 -21.39 -7.16 17.11
N ASP B 24 -20.85 -8.05 17.92
CA ASP B 24 -19.70 -7.77 18.75
C ASP B 24 -18.46 -7.65 17.87
N VAL B 25 -17.40 -7.07 18.43
CA VAL B 25 -16.10 -6.86 17.77
C VAL B 25 -15.58 -8.13 17.10
N ILE B 26 -15.16 -8.04 15.85
CA ILE B 26 -14.53 -9.17 15.13
C ILE B 26 -13.03 -8.92 14.93
N TYR B 27 -12.23 -9.88 15.35
CA TYR B 27 -10.77 -9.84 15.21
C TYR B 27 -10.36 -10.50 13.91
N ALA B 28 -9.28 -9.99 13.31
CA ALA B 28 -8.72 -10.60 12.10
C ALA B 28 -7.93 -11.87 12.43
N GLY B 29 -7.46 -11.99 13.67
CA GLY B 29 -6.48 -13.02 14.02
C GLY B 29 -5.11 -12.76 13.41
N HIS B 30 -4.82 -11.48 13.14
CA HIS B 30 -3.52 -11.09 12.57
C HIS B 30 -2.46 -11.09 13.67
N ASP B 31 -1.30 -11.66 13.33
CA ASP B 31 -0.14 -11.71 14.22
C ASP B 31 0.69 -10.43 14.03
N ASN B 32 0.53 -9.49 14.96
CA ASN B 32 1.20 -8.18 14.87
C ASN B 32 2.63 -8.20 15.40
N THR B 33 3.34 -9.29 15.11
CA THR B 33 4.76 -9.42 15.48
C THR B 33 5.60 -9.34 14.21
N LYS B 34 5.40 -10.30 13.32
CA LYS B 34 6.07 -10.29 12.01
C LYS B 34 5.75 -9.01 11.23
N PRO B 35 6.76 -8.46 10.50
CA PRO B 35 6.44 -7.31 9.62
C PRO B 35 5.49 -7.68 8.48
N ASP B 36 4.69 -6.71 8.03
CA ASP B 36 3.72 -6.93 6.97
C ASP B 36 4.41 -7.28 5.65
N THR B 37 3.81 -8.21 4.92
CA THR B 37 4.02 -8.32 3.49
C THR B 37 2.65 -8.07 2.90
N SER B 38 2.59 -7.84 1.59
CA SER B 38 1.31 -7.66 0.93
C SER B 38 0.48 -8.95 1.00
N SER B 39 1.15 -10.12 1.07
CA SER B 39 0.47 -11.43 1.04
C SER B 39 -0.24 -11.81 2.36
N SER B 40 0.43 -11.55 3.48
CA SER B 40 -0.14 -11.83 4.81
C SER B 40 -1.14 -10.74 5.21
N LEU B 41 -0.92 -9.54 4.70
CA LEU B 41 -1.82 -8.44 4.93
C LEU B 41 -3.11 -8.80 4.24
N LEU B 42 -3.00 -9.22 2.98
CA LEU B 42 -4.17 -9.60 2.21
C LEU B 42 -4.80 -10.90 2.76
N THR B 43 -3.99 -11.86 3.20
CA THR B 43 -4.54 -13.06 3.85
C THR B 43 -5.40 -12.70 5.06
N SER B 44 -4.84 -11.87 5.94
CA SER B 44 -5.57 -11.45 7.15
C SER B 44 -6.87 -10.73 6.83
N LEU B 45 -6.86 -9.86 5.81
CA LEU B 45 -8.10 -9.19 5.38
C LEU B 45 -9.17 -10.15 4.85
N ASN B 46 -8.74 -11.23 4.21
CA ASN B 46 -9.66 -12.25 3.69
C ASN B 46 -10.29 -13.06 4.81
N GLN B 47 -9.44 -13.54 5.72
CA GLN B 47 -9.84 -14.15 7.00
C GLN B 47 -10.82 -13.28 7.79
N LEU B 48 -10.54 -11.98 7.88
CA LEU B 48 -11.39 -11.07 8.61
C LEU B 48 -12.73 -10.91 7.90
N GLY B 49 -12.71 -10.79 6.57
CA GLY B 49 -13.93 -10.64 5.78
C GLY B 49 -14.85 -11.85 5.84
N GLU B 50 -14.25 -13.03 5.89
CA GLU B 50 -14.97 -14.28 6.07
C GLU B 50 -15.66 -14.32 7.44
N ARG B 51 -15.00 -13.82 8.48
CA ARG B 51 -15.62 -13.72 9.81
C ARG B 51 -16.74 -12.69 9.82
N GLN B 52 -16.53 -11.60 9.10
CA GLN B 52 -17.51 -10.55 9.04
C GLN B 52 -18.73 -10.95 8.22
N LEU B 53 -18.53 -11.71 7.14
CA LEU B 53 -19.67 -12.26 6.39
C LEU B 53 -20.58 -13.11 7.28
N LEU B 54 -20.01 -14.03 8.04
CA LEU B 54 -20.81 -14.77 9.02
C LEU B 54 -21.60 -13.83 9.95
N SER B 55 -20.99 -12.74 10.40
CA SER B 55 -21.64 -11.86 11.37
C SER B 55 -22.76 -11.10 10.69
N VAL B 56 -22.58 -10.76 9.43
CA VAL B 56 -23.64 -10.09 8.63
C VAL B 56 -24.87 -10.99 8.42
N VAL B 57 -24.63 -12.27 8.12
CA VAL B 57 -25.72 -13.20 7.94
C VAL B 57 -26.46 -13.43 9.25
N LYS B 58 -25.72 -13.56 10.36
CA LYS B 58 -26.34 -13.70 11.67
C LYS B 58 -27.14 -12.44 12.03
N TRP B 59 -26.54 -11.27 11.83
CA TRP B 59 -27.23 -9.99 12.04
C TRP B 59 -28.55 -9.93 11.29
N SER B 60 -28.54 -10.28 10.01
CA SER B 60 -29.74 -10.19 9.15
C SER B 60 -30.87 -11.09 9.67
N LYS B 61 -30.49 -12.20 10.31
CA LYS B 61 -31.48 -13.10 10.92
C LYS B 61 -32.27 -12.41 12.05
N SER B 62 -31.69 -11.39 12.65
CA SER B 62 -32.36 -10.66 13.74
C SER B 62 -32.94 -9.32 13.32
N LEU B 63 -32.73 -8.93 12.06
CA LEU B 63 -33.11 -7.61 11.59
C LEU B 63 -34.60 -7.61 11.30
N PRO B 64 -35.36 -6.73 11.96
CA PRO B 64 -36.82 -6.77 11.71
C PRO B 64 -37.23 -6.65 10.25
N GLY B 65 -38.11 -7.55 9.82
CA GLY B 65 -38.57 -7.59 8.42
C GLY B 65 -37.86 -8.56 7.49
N PHE B 66 -36.57 -8.80 7.72
CA PHE B 66 -35.73 -9.46 6.71
C PHE B 66 -36.05 -10.92 6.56
N ARG B 67 -36.27 -11.59 7.68
CA ARG B 67 -36.60 -13.03 7.67
C ARG B 67 -37.95 -13.32 7.01
N ASN B 68 -38.80 -12.30 6.88
CA ASN B 68 -40.10 -12.48 6.28
C ASN B 68 -40.06 -12.44 4.76
N LEU B 69 -38.97 -11.99 4.17
CA LEU B 69 -38.78 -12.07 2.72
C LEU B 69 -38.51 -13.54 2.34
N HIS B 70 -38.90 -13.94 1.14
CA HIS B 70 -38.57 -15.26 0.59
C HIS B 70 -37.06 -15.55 0.81
N ILE B 71 -36.72 -16.79 1.10
CA ILE B 71 -35.34 -17.14 1.41
CA ILE B 71 -35.33 -17.16 1.41
C ILE B 71 -34.37 -16.78 0.27
N ASP B 72 -34.81 -16.97 -0.98
CA ASP B 72 -33.99 -16.63 -2.14
C ASP B 72 -33.63 -15.14 -2.17
N ASP B 73 -34.60 -14.29 -1.82
CA ASP B 73 -34.38 -12.84 -1.71
C ASP B 73 -33.39 -12.51 -0.60
N GLN B 74 -33.51 -13.17 0.54
CA GLN B 74 -32.60 -12.96 1.65
C GLN B 74 -31.18 -13.27 1.23
N ILE B 75 -31.02 -14.42 0.55
CA ILE B 75 -29.74 -14.83 0.03
C ILE B 75 -29.21 -13.83 -1.03
N THR B 76 -30.04 -13.44 -2.00
CA THR B 76 -29.66 -12.49 -3.02
C THR B 76 -29.24 -11.15 -2.45
N LEU B 77 -30.02 -10.61 -1.53
CA LEU B 77 -29.69 -9.31 -0.93
C LEU B 77 -28.33 -9.34 -0.22
N ILE B 78 -28.04 -10.41 0.50
CA ILE B 78 -26.73 -10.53 1.14
C ILE B 78 -25.62 -10.60 0.10
N GLN B 79 -25.81 -11.43 -0.92
CA GLN B 79 -24.81 -11.56 -1.98
C GLN B 79 -24.61 -10.26 -2.74
N TYR B 80 -25.63 -9.41 -2.83
CA TYR B 80 -25.48 -8.11 -3.48
C TYR B 80 -24.79 -7.07 -2.59
N SER B 81 -25.08 -7.09 -1.30
CA SER B 81 -24.72 -5.97 -0.43
C SER B 81 -23.51 -6.18 0.51
N TRP B 82 -22.94 -7.37 0.50
CA TRP B 82 -21.92 -7.70 1.52
C TRP B 82 -20.77 -6.69 1.54
N MET B 83 -20.32 -6.29 0.36
CA MET B 83 -19.17 -5.39 0.25
C MET B 83 -19.50 -4.00 0.78
N SER B 84 -20.69 -3.50 0.44
CA SER B 84 -21.20 -2.23 0.95
C SER B 84 -21.30 -2.17 2.44
N LEU B 85 -21.82 -3.25 3.04
CA LEU B 85 -21.99 -3.35 4.47
C LEU B 85 -20.64 -3.37 5.17
N MET B 86 -19.70 -4.11 4.60
CA MET B 86 -18.37 -4.20 5.22
C MET B 86 -17.53 -2.93 5.10
N VAL B 87 -17.66 -2.21 3.99
CA VAL B 87 -16.93 -0.95 3.85
C VAL B 87 -17.58 0.16 4.70
N PHE B 88 -18.90 0.11 4.81
CA PHE B 88 -19.66 1.06 5.63
C PHE B 88 -19.34 0.89 7.12
N GLY B 89 -19.31 -0.35 7.59
CA GLY B 89 -18.90 -0.69 8.97
C GLY B 89 -17.44 -0.35 9.26
N LEU B 90 -16.58 -0.60 8.29
CA LEU B 90 -15.19 -0.13 8.35
C LEU B 90 -15.11 1.39 8.57
N GLY B 91 -15.91 2.13 7.83
CA GLY B 91 -15.94 3.60 7.95
C GLY B 91 -16.38 4.02 9.34
N TRP B 92 -17.40 3.37 9.86
CA TRP B 92 -17.87 3.62 11.22
C TRP B 92 -16.80 3.36 12.30
N ARG B 93 -16.18 2.18 12.28
CA ARG B 93 -15.16 1.86 13.26
C ARG B 93 -14.01 2.88 13.19
N SER B 94 -13.61 3.20 11.97
CA SER B 94 -12.54 4.16 11.76
C SER B 94 -12.86 5.55 12.34
N TYR B 95 -14.07 6.02 12.08
CA TYR B 95 -14.63 7.25 12.63
C TYR B 95 -14.64 7.23 14.14
N LYS B 96 -15.25 6.19 14.68
CA LYS B 96 -15.46 6.04 16.09
C LYS B 96 -14.19 5.89 16.91
N HIS B 97 -13.23 5.09 16.43
CA HIS B 97 -12.08 4.65 17.24
C HIS B 97 -10.78 5.39 17.01
N VAL B 98 -10.58 5.90 15.80
CA VAL B 98 -9.32 6.55 15.47
C VAL B 98 -9.60 7.86 14.75
N SER B 99 -10.76 8.44 15.02
CA SER B 99 -11.16 9.76 14.50
C SER B 99 -11.04 9.85 12.98
N GLY B 100 -11.26 8.73 12.31
CA GLY B 100 -11.17 8.69 10.85
C GLY B 100 -9.78 8.81 10.26
N GLN B 101 -8.74 8.74 11.08
CA GLN B 101 -7.37 9.02 10.63
C GLN B 101 -6.56 7.74 10.38
N MET B 102 -7.15 6.59 10.64
CA MET B 102 -6.61 5.29 10.26
C MET B 102 -7.78 4.44 9.83
N LEU B 103 -7.52 3.34 9.12
CA LEU B 103 -8.55 2.36 8.77
C LEU B 103 -8.57 1.23 9.81
N TYR B 104 -9.61 1.21 10.62
CA TYR B 104 -9.77 0.26 11.70
C TYR B 104 -10.53 -0.97 11.20
N PHE B 105 -9.81 -1.90 10.57
CA PHE B 105 -10.47 -3.04 10.00
C PHE B 105 -10.95 -3.92 11.14
N ALA B 106 -10.06 -4.11 12.11
CA ALA B 106 -10.37 -4.77 13.36
C ALA B 106 -9.42 -4.23 14.43
N PRO B 107 -9.68 -4.52 15.71
CA PRO B 107 -8.76 -4.07 16.76
C PRO B 107 -7.32 -4.56 16.55
N ASP B 108 -7.17 -5.72 15.90
CA ASP B 108 -5.84 -6.29 15.62
C ASP B 108 -5.37 -6.06 14.17
N LEU B 109 -6.09 -5.22 13.45
CA LEU B 109 -5.71 -4.90 12.08
C LEU B 109 -6.13 -3.45 11.80
N ILE B 110 -5.27 -2.54 12.23
CA ILE B 110 -5.50 -1.12 12.08
C ILE B 110 -4.40 -0.58 11.20
N LEU B 111 -4.77 -0.07 10.04
CA LEU B 111 -3.79 0.40 9.05
C LEU B 111 -3.71 1.93 8.96
N ASN B 112 -2.49 2.41 9.02
CA ASN B 112 -2.18 3.80 8.68
C ASN B 112 -1.45 3.79 7.32
N GLU B 113 -1.09 4.98 6.85
CA GLU B 113 -0.45 5.18 5.54
C GLU B 113 0.84 4.37 5.36
N GLN B 114 1.66 4.34 6.42
CA GLN B 114 2.92 3.60 6.42
C GLN B 114 2.76 2.16 5.93
N ARG B 115 1.65 1.54 6.34
CA ARG B 115 1.42 0.12 6.07
C ARG B 115 0.71 -0.16 4.74
N MET B 116 0.50 0.87 3.90
CA MET B 116 -0.13 0.70 2.60
C MET B 116 0.89 1.01 1.51
N LYS B 117 1.69 -0.01 1.19
CA LYS B 117 2.87 0.14 0.36
C LYS B 117 2.63 -0.01 -1.14
N GLU B 118 2.00 -1.11 -1.54
CA GLU B 118 1.65 -1.35 -2.94
C GLU B 118 0.71 -0.22 -3.33
N SER B 119 1.04 0.54 -4.37
CA SER B 119 0.28 1.77 -4.65
C SER B 119 -1.19 1.51 -5.01
N SER B 120 -1.49 0.39 -5.66
CA SER B 120 -2.88 0.05 -5.99
C SER B 120 -3.70 -0.23 -4.71
N PHE B 121 -3.08 -0.87 -3.74
CA PHE B 121 -3.68 -1.11 -2.41
C PHE B 121 -3.87 0.21 -1.67
N TYR B 122 -2.89 1.09 -1.76
CA TYR B 122 -2.99 2.43 -1.20
C TYR B 122 -4.17 3.19 -1.83
N SER B 123 -4.27 3.14 -3.16
CA SER B 123 -5.39 3.77 -3.89
C SER B 123 -6.75 3.24 -3.45
N LEU B 124 -6.84 1.93 -3.26
CA LEU B 124 -8.07 1.34 -2.72
C LEU B 124 -8.36 1.86 -1.31
N CYS B 125 -7.31 2.02 -0.51
CA CYS B 125 -7.49 2.51 0.84
C CYS B 125 -8.02 3.95 0.83
N LEU B 126 -7.43 4.80 -0.01
CA LEU B 126 -7.88 6.18 -0.16
C LEU B 126 -9.35 6.23 -0.56
N THR B 127 -9.77 5.31 -1.41
CA THR B 127 -11.17 5.22 -1.79
C THR B 127 -12.07 4.84 -0.62
N MET B 128 -11.62 3.88 0.16
CA MET B 128 -12.42 3.42 1.29
C MET B 128 -12.45 4.52 2.36
N TRP B 129 -11.37 5.31 2.42
CA TRP B 129 -11.22 6.37 3.41
C TRP B 129 -12.24 7.49 3.26
N GLN B 130 -12.89 7.54 2.11
CA GLN B 130 -13.88 8.57 1.84
C GLN B 130 -15.05 8.52 2.79
N ILE B 131 -15.41 7.30 3.23
CA ILE B 131 -16.57 7.09 4.05
C ILE B 131 -16.33 7.67 5.46
N PRO B 132 -15.23 7.28 6.15
CA PRO B 132 -14.98 7.90 7.45
C PRO B 132 -14.82 9.41 7.38
N GLN B 133 -14.24 9.91 6.29
CA GLN B 133 -14.12 11.35 6.06
C GLN B 133 -15.48 12.03 6.03
N GLU B 134 -16.45 11.43 5.33
CA GLU B 134 -17.79 11.99 5.29
C GLU B 134 -18.45 11.89 6.67
N PHE B 135 -18.17 10.82 7.39
CA PHE B 135 -18.73 10.59 8.72
C PHE B 135 -18.26 11.69 9.66
N VAL B 136 -16.96 11.98 9.61
CA VAL B 136 -16.33 13.07 10.35
C VAL B 136 -16.93 14.42 9.93
N LYS B 137 -17.03 14.67 8.65
CA LYS B 137 -17.55 15.95 8.16
C LYS B 137 -19.01 16.15 8.54
N LEU B 138 -19.82 15.11 8.42
CA LEU B 138 -21.24 15.24 8.70
C LEU B 138 -21.58 14.97 10.17
N GLN B 139 -20.61 14.47 10.94
CA GLN B 139 -20.85 14.08 12.33
C GLN B 139 -22.04 13.11 12.44
N VAL B 140 -21.99 12.04 11.66
CA VAL B 140 -23.06 11.03 11.64
C VAL B 140 -23.19 10.40 13.04
N SER B 141 -24.43 10.30 13.52
CA SER B 141 -24.70 9.68 14.81
C SER B 141 -24.82 8.17 14.66
N GLN B 142 -24.75 7.45 15.76
CA GLN B 142 -24.97 6.01 15.72
C GLN B 142 -26.37 5.65 15.22
N GLU B 143 -27.35 6.47 15.61
CA GLU B 143 -28.74 6.26 15.21
C GLU B 143 -28.95 6.36 13.71
N GLU B 144 -28.40 7.40 13.07
CA GLU B 144 -28.46 7.50 11.59
C GLU B 144 -27.69 6.38 10.92
N PHE B 145 -26.50 6.12 11.43
CA PHE B 145 -25.66 5.05 10.89
C PHE B 145 -26.39 3.71 10.81
N LEU B 146 -27.11 3.35 11.87
CA LEU B 146 -27.72 2.02 11.95
C LEU B 146 -28.88 1.84 10.95
N CYS B 147 -29.64 2.90 10.74
CA CYS B 147 -30.72 2.92 9.72
C CYS B 147 -30.14 2.90 8.30
N MET B 148 -29.11 3.72 8.07
CA MET B 148 -28.40 3.77 6.78
C MET B 148 -27.85 2.41 6.38
N LYS B 149 -27.34 1.69 7.38
CA LYS B 149 -26.78 0.37 7.15
C LYS B 149 -27.85 -0.62 6.69
N VAL B 150 -29.04 -0.55 7.28
CA VAL B 150 -30.16 -1.40 6.77
C VAL B 150 -30.51 -1.01 5.32
N LEU B 151 -30.52 0.28 5.04
CA LEU B 151 -30.82 0.77 3.70
C LEU B 151 -29.79 0.30 2.68
N LEU B 152 -28.55 0.12 3.12
CA LEU B 152 -27.54 -0.47 2.25
C LEU B 152 -27.87 -1.89 1.90
N LEU B 153 -28.29 -2.68 2.88
CA LEU B 153 -28.68 -4.07 2.63
C LEU B 153 -29.79 -4.14 1.58
N LEU B 154 -30.67 -3.13 1.59
CA LEU B 154 -31.82 -3.09 0.71
C LEU B 154 -31.61 -2.14 -0.47
N ASN B 155 -30.37 -1.89 -0.87
CA ASN B 155 -30.13 -0.84 -1.89
C ASN B 155 -29.97 -1.32 -3.36
N THR B 156 -29.97 -2.63 -3.59
CA THR B 156 -29.90 -3.18 -4.97
C THR B 156 -30.80 -4.39 -5.09
N ILE B 157 -31.51 -4.51 -6.21
CA ILE B 157 -32.39 -5.66 -6.43
C ILE B 157 -32.15 -6.23 -7.83
N PRO B 158 -32.59 -7.47 -8.07
CA PRO B 158 -32.46 -8.00 -9.42
C PRO B 158 -33.24 -7.16 -10.44
N LEU B 159 -32.86 -7.28 -11.70
CA LEU B 159 -33.58 -6.60 -12.77
C LEU B 159 -35.06 -6.98 -12.79
N GLU B 160 -35.35 -8.26 -12.52
CA GLU B 160 -36.72 -8.80 -12.51
C GLU B 160 -37.43 -8.45 -11.21
N GLY B 161 -36.70 -7.92 -10.25
CA GLY B 161 -37.26 -7.64 -8.95
C GLY B 161 -37.06 -8.85 -8.07
N LEU B 162 -37.67 -8.81 -6.90
CA LEU B 162 -37.55 -9.87 -5.90
C LEU B 162 -38.83 -10.70 -5.91
N ARG B 163 -38.75 -11.91 -5.39
CA ARG B 163 -39.95 -12.75 -5.22
C ARG B 163 -40.94 -12.09 -4.26
N SER B 164 -40.40 -11.52 -3.18
CA SER B 164 -41.19 -10.79 -2.18
C SER B 164 -41.08 -9.25 -2.35
N GLN B 165 -41.34 -8.77 -3.57
CA GLN B 165 -41.20 -7.34 -3.88
C GLN B 165 -42.05 -6.42 -2.98
N THR B 166 -43.30 -6.79 -2.72
CA THR B 166 -44.17 -5.94 -1.93
C THR B 166 -43.63 -5.80 -0.50
N GLN B 167 -43.26 -6.93 0.09
CA GLN B 167 -42.68 -6.95 1.44
C GLN B 167 -41.38 -6.16 1.47
N PHE B 168 -40.54 -6.36 0.47
CA PHE B 168 -39.30 -5.60 0.35
C PHE B 168 -39.55 -4.08 0.34
N GLU B 169 -40.51 -3.66 -0.47
CA GLU B 169 -40.83 -2.24 -0.58
C GLU B 169 -41.34 -1.64 0.74
N GLU B 170 -42.16 -2.39 1.47
CA GLU B 170 -42.66 -1.95 2.77
C GLU B 170 -41.52 -1.89 3.79
N MET B 171 -40.61 -2.84 3.73
CA MET B 171 -39.49 -2.86 4.66
C MET B 171 -38.59 -1.66 4.44
N ARG B 172 -38.27 -1.40 3.17
CA ARG B 172 -37.46 -0.25 2.81
C ARG B 172 -38.11 1.09 3.23
N SER B 173 -39.41 1.27 2.97
CA SER B 173 -40.11 2.49 3.44
C SER B 173 -40.04 2.64 4.96
N SER B 174 -40.19 1.53 5.67
CA SER B 174 -40.13 1.54 7.13
C SER B 174 -38.77 2.02 7.65
N TYR B 175 -37.70 1.56 7.03
CA TYR B 175 -36.36 1.95 7.44
C TYR B 175 -35.97 3.38 7.02
N ILE B 176 -36.56 3.85 5.93
CA ILE B 176 -36.45 5.25 5.53
C ILE B 176 -37.15 6.18 6.56
N ARG B 177 -38.38 5.82 6.95
CA ARG B 177 -39.05 6.55 8.01
C ARG B 177 -38.23 6.52 9.30
N GLU B 178 -37.53 5.42 9.57
CA GLU B 178 -36.75 5.32 10.79
C GLU B 178 -35.50 6.19 10.73
N LEU B 179 -34.88 6.28 9.55
CA LEU B 179 -33.77 7.21 9.34
C LEU B 179 -34.23 8.63 9.64
N ILE B 180 -35.44 8.95 9.20
CA ILE B 180 -36.03 10.27 9.41
C ILE B 180 -36.21 10.58 10.89
N LYS B 181 -36.68 9.59 11.66
CA LYS B 181 -36.74 9.71 13.11
C LYS B 181 -35.34 9.88 13.70
N ALA B 182 -34.36 9.13 13.20
CA ALA B 182 -32.98 9.23 13.70
C ALA B 182 -32.43 10.65 13.53
N ILE B 183 -32.61 11.19 12.32
CA ILE B 183 -32.26 12.59 12.02
C ILE B 183 -32.96 13.55 12.98
N GLY B 184 -34.23 13.26 13.27
CA GLY B 184 -35.05 14.12 14.09
C GLY B 184 -34.62 14.19 15.55
N LEU B 185 -33.89 13.19 16.00
CA LEU B 185 -33.35 13.17 17.35
C LEU B 185 -32.44 14.37 17.63
N ARG B 186 -31.74 14.83 16.60
CA ARG B 186 -30.79 15.94 16.75
C ARG B 186 -31.18 17.15 15.91
N GLN B 187 -31.56 16.91 14.66
CA GLN B 187 -31.94 18.01 13.76
C GLN B 187 -33.38 18.43 14.03
N LYS B 188 -33.53 19.63 14.58
CA LYS B 188 -34.80 20.25 14.82
C LYS B 188 -35.03 21.22 13.66
N GLY B 189 -36.28 21.50 13.34
CA GLY B 189 -36.61 22.38 12.23
C GLY B 189 -36.70 21.59 10.94
N VAL B 190 -37.74 21.86 10.16
CA VAL B 190 -38.01 21.08 8.94
C VAL B 190 -36.90 21.29 7.91
N VAL B 191 -36.48 22.55 7.75
CA VAL B 191 -35.44 22.90 6.77
C VAL B 191 -34.17 22.09 7.02
N SER B 192 -33.67 22.16 8.24
CA SER B 192 -32.45 21.46 8.66
C SER B 192 -32.58 19.94 8.54
N SER B 193 -33.72 19.41 8.96
CA SER B 193 -34.01 17.98 8.87
C SER B 193 -34.03 17.51 7.42
N SER B 194 -34.69 18.28 6.56
CA SER B 194 -34.78 17.93 5.14
C SER B 194 -33.40 17.95 4.51
N GLN B 195 -32.62 18.97 4.85
CA GLN B 195 -31.28 19.07 4.32
C GLN B 195 -30.42 17.89 4.72
N ARG B 196 -30.52 17.47 5.97
CA ARG B 196 -29.69 16.36 6.42
C ARG B 196 -30.10 15.06 5.75
N PHE B 197 -31.40 14.90 5.52
CA PHE B 197 -31.91 13.70 4.90
C PHE B 197 -31.35 13.64 3.48
N TYR B 198 -31.32 14.79 2.81
CA TYR B 198 -30.68 14.87 1.50
C TYR B 198 -29.24 14.39 1.58
N GLN B 199 -28.47 14.96 2.50
CA GLN B 199 -27.04 14.65 2.63
C GLN B 199 -26.78 13.16 2.87
N LEU B 200 -27.48 12.57 3.83
CA LEU B 200 -27.24 11.17 4.17
C LEU B 200 -27.72 10.22 3.07
N THR B 201 -28.82 10.55 2.39
CA THR B 201 -29.29 9.73 1.32
C THR B 201 -28.43 9.88 0.06
N LYS B 202 -27.91 11.09 -0.18
CA LYS B 202 -26.93 11.30 -1.23
C LYS B 202 -25.66 10.50 -0.96
N LEU B 203 -25.24 10.45 0.30
CA LEU B 203 -24.08 9.62 0.68
C LEU B 203 -24.35 8.14 0.30
N LEU B 204 -25.54 7.64 0.61
CA LEU B 204 -25.93 6.29 0.24
C LEU B 204 -25.88 6.07 -1.29
N ASP B 205 -26.48 6.98 -2.05
CA ASP B 205 -26.41 6.95 -3.51
C ASP B 205 -24.95 6.87 -4.00
N ASN B 206 -24.09 7.69 -3.40
CA ASN B 206 -22.67 7.73 -3.80
C ASN B 206 -21.90 6.46 -3.46
N LEU B 207 -22.40 5.64 -2.54
CA LEU B 207 -21.73 4.37 -2.22
C LEU B 207 -21.71 3.35 -3.36
N HIS B 208 -22.70 3.40 -4.26
CA HIS B 208 -22.73 2.49 -5.43
C HIS B 208 -21.45 2.60 -6.25
N ASP B 209 -21.00 3.82 -6.52
CA ASP B 209 -19.79 4.02 -7.31
C ASP B 209 -18.55 3.56 -6.54
N LEU B 210 -18.48 3.91 -5.27
CA LEU B 210 -17.32 3.59 -4.46
C LEU B 210 -17.18 2.05 -4.35
N VAL B 211 -18.29 1.39 -4.04
CA VAL B 211 -18.33 -0.06 -3.94
C VAL B 211 -18.03 -0.77 -5.29
N LYS B 212 -18.32 -0.12 -6.41
CA LYS B 212 -17.98 -0.70 -7.71
C LYS B 212 -16.46 -0.89 -7.85
N GLN B 213 -15.66 0.08 -7.39
CA GLN B 213 -14.20 -0.02 -7.44
C GLN B 213 -13.69 -1.17 -6.53
N LEU B 214 -14.31 -1.33 -5.37
CA LEU B 214 -13.95 -2.41 -4.44
C LEU B 214 -14.30 -3.78 -5.02
N HIS B 215 -15.50 -3.89 -5.62
CA HIS B 215 -15.88 -5.09 -6.37
C HIS B 215 -14.86 -5.47 -7.42
N LEU B 216 -14.48 -4.51 -8.28
CA LEU B 216 -13.54 -4.76 -9.36
C LEU B 216 -12.19 -5.24 -8.81
N TYR B 217 -11.71 -4.57 -7.77
CA TYR B 217 -10.42 -4.86 -7.16
C TYR B 217 -10.44 -6.29 -6.59
N CYS B 218 -11.55 -6.65 -5.97
CA CYS B 218 -11.72 -7.99 -5.41
C CYS B 218 -11.74 -9.06 -6.52
N LEU B 219 -12.61 -8.91 -7.51
CA LEU B 219 -12.64 -9.87 -8.61
C LEU B 219 -11.29 -9.99 -9.34
N ASN B 220 -10.60 -8.88 -9.51
CA ASN B 220 -9.27 -8.94 -10.10
C ASN B 220 -8.31 -9.76 -9.25
N THR B 221 -8.31 -9.51 -7.96
CA THR B 221 -7.40 -10.24 -7.08
C THR B 221 -7.77 -11.72 -7.06
N PHE B 222 -9.06 -12.00 -7.08
CA PHE B 222 -9.58 -13.37 -7.16
C PHE B 222 -9.13 -14.07 -8.44
N ILE B 223 -9.28 -13.43 -9.60
CA ILE B 223 -8.94 -14.08 -10.89
C ILE B 223 -7.44 -14.28 -11.04
N GLN B 224 -6.66 -13.34 -10.54
CA GLN B 224 -5.20 -13.47 -10.54
C GLN B 224 -4.77 -14.22 -9.27
N SER B 225 -5.65 -15.04 -8.70
CA SER B 225 -5.54 -15.54 -7.31
C SER B 225 -4.19 -16.13 -6.95
N ARG B 226 -3.89 -17.32 -7.48
CA ARG B 226 -2.57 -17.92 -7.20
C ARG B 226 -1.51 -17.45 -8.20
N ALA B 227 -1.38 -16.14 -8.31
CA ALA B 227 -0.15 -15.47 -8.75
C ALA B 227 0.19 -14.37 -7.70
N LEU B 228 -0.43 -14.48 -6.52
CA LEU B 228 -0.35 -13.46 -5.45
C LEU B 228 0.09 -14.02 -4.08
N SER B 229 -0.25 -15.29 -3.80
CA SER B 229 -0.07 -15.91 -2.47
C SER B 229 -0.99 -15.31 -1.38
N VAL B 230 -2.18 -14.87 -1.78
CA VAL B 230 -3.26 -14.51 -0.85
C VAL B 230 -4.26 -15.66 -0.87
N GLU B 231 -4.67 -16.17 0.29
CA GLU B 231 -5.61 -17.30 0.30
C GLU B 231 -7.04 -16.80 0.36
N PHE B 232 -7.94 -17.51 -0.34
CA PHE B 232 -9.36 -17.13 -0.39
C PHE B 232 -10.23 -18.16 0.33
N PRO B 233 -10.80 -17.78 1.47
CA PRO B 233 -11.70 -18.66 2.24
C PRO B 233 -12.88 -19.15 1.40
N GLU B 234 -13.60 -20.15 1.90
CA GLU B 234 -14.63 -20.83 1.12
C GLU B 234 -15.89 -20.01 0.90
N MET B 235 -16.35 -19.30 1.92
CA MET B 235 -17.60 -18.51 1.77
C MET B 235 -17.37 -17.30 0.86
N MET B 236 -16.18 -16.74 0.95
CA MET B 236 -15.78 -15.61 0.12
C MET B 236 -15.78 -16.06 -1.34
N SER B 237 -15.16 -17.22 -1.62
CA SER B 237 -15.10 -17.77 -2.97
C SER B 237 -16.50 -17.94 -3.56
N GLU B 238 -17.41 -18.50 -2.77
CA GLU B 238 -18.77 -18.71 -3.25
C GLU B 238 -19.54 -17.41 -3.50
N VAL B 239 -19.42 -16.38 -2.66
CA VAL B 239 -20.18 -15.13 -2.94
C VAL B 239 -19.64 -14.42 -4.18
N ILE B 240 -18.33 -14.48 -4.38
CA ILE B 240 -17.76 -13.84 -5.54
C ILE B 240 -18.30 -14.54 -6.79
N ALA B 241 -18.24 -15.87 -6.81
CA ALA B 241 -18.73 -16.65 -7.95
C ALA B 241 -20.23 -16.52 -8.14
N ALA B 242 -20.97 -16.43 -7.05
CA ALA B 242 -22.43 -16.36 -7.13
C ALA B 242 -22.93 -15.12 -7.88
N GLN B 243 -22.30 -13.97 -7.70
CA GLN B 243 -22.90 -12.72 -8.17
C GLN B 243 -21.97 -11.65 -8.74
N LEU B 244 -20.68 -11.65 -8.39
CA LEU B 244 -19.84 -10.46 -8.63
C LEU B 244 -19.65 -10.09 -10.11
N PRO B 245 -19.45 -11.08 -10.98
CA PRO B 245 -19.37 -10.74 -12.39
C PRO B 245 -20.65 -10.07 -12.91
N LYS B 246 -21.79 -10.62 -12.50
CA LYS B 246 -23.10 -10.13 -12.90
C LYS B 246 -23.30 -8.69 -12.39
N ILE B 247 -22.95 -8.47 -11.13
CA ILE B 247 -23.06 -7.15 -10.51
C ILE B 247 -22.20 -6.16 -11.24
N LEU B 248 -20.95 -6.52 -11.48
CA LEU B 248 -20.01 -5.62 -12.15
C LEU B 248 -20.45 -5.34 -13.58
N ALA B 249 -21.02 -6.34 -14.23
CA ALA B 249 -21.54 -6.17 -15.56
C ALA B 249 -22.81 -5.29 -15.60
N GLY B 250 -23.25 -4.83 -14.43
CA GLY B 250 -24.42 -3.95 -14.34
C GLY B 250 -25.75 -4.66 -14.52
N MET B 251 -25.79 -5.96 -14.26
CA MET B 251 -26.99 -6.77 -14.52
C MET B 251 -27.88 -6.86 -13.29
N VAL B 252 -27.90 -5.80 -12.49
CA VAL B 252 -28.76 -5.66 -11.34
C VAL B 252 -29.28 -4.22 -11.29
N LYS B 253 -30.20 -3.95 -10.38
CA LYS B 253 -30.83 -2.64 -10.29
C LYS B 253 -30.46 -1.94 -9.00
N PRO B 254 -29.51 -1.00 -9.07
CA PRO B 254 -29.25 -0.20 -7.89
C PRO B 254 -30.39 0.79 -7.65
N LEU B 255 -30.82 0.90 -6.40
CA LEU B 255 -31.87 1.82 -6.02
C LEU B 255 -31.21 3.15 -5.65
N LEU B 256 -31.81 4.25 -6.09
CA LEU B 256 -31.27 5.59 -5.86
C LEU B 256 -32.32 6.46 -5.18
N PHE B 257 -31.89 7.27 -4.22
CA PHE B 257 -32.75 8.29 -3.65
C PHE B 257 -32.89 9.50 -4.53
N HIS B 258 -31.89 9.77 -5.38
CA HIS B 258 -31.88 10.97 -6.21
C HIS B 258 -31.62 10.64 -7.69
N LYS B 259 -32.34 11.31 -8.58
CA LYS B 259 -32.21 11.11 -10.02
C LYS B 259 -31.01 11.88 -10.56
#